data_2K97
#
_entry.id   2K97
#
_entity_poly.entity_id   1
_entity_poly.type   'polydeoxyribonucleotide'
_entity_poly.pdbx_seq_one_letter_code
;(DC)(DG)(DC)(DT)(DC)(DC)(DG)(DT)
;
_entity_poly.pdbx_strand_id   A,B
#